data_7MLW
#
_entry.id   7MLW
#
_cell.length_a   51.703
_cell.length_b   51.703
_cell.length_c   266.728
_cell.angle_alpha   90.000
_cell.angle_beta   90.000
_cell.angle_gamma   120.000
#
_symmetry.space_group_name_H-M   'P 32 2 1'
#
loop_
_entity.id
_entity.type
_entity.pdbx_description
1 polymer 'Guanidine-I riboswitch'
2 non-polymer GUANIDINE
3 non-polymer 'PHOSPHATE ION'
4 non-polymer 'STRONTIUM ION'
5 non-polymer 'MAGNESIUM ION'
6 non-polymer 'POTASSIUM ION'
7 water water
#
_entity_poly.entity_id   1
_entity_poly.type   'polyribonucleotide'
_entity_poly.pdbx_seq_one_letter_code
;GGAUCGCUAGGGUUCCGGUCGUGCGGCGUUCGCGCCGCACGAUGCUGGUCCGAGAGCAAUCCGGUCUUGCCUUCGCCUCG
UUCGCGAGGAAACGGCGAGGCUCCACGGAGGGAUAAAAGCCCGGGAGG
;
_entity_poly.pdbx_strand_id   F
#